data_2AXN
#
_entry.id   2AXN
#
_cell.length_a   102.580
_cell.length_b   102.580
_cell.length_c   259.840
_cell.angle_alpha   90.00
_cell.angle_beta   90.00
_cell.angle_gamma   120.00
#
_symmetry.space_group_name_H-M   'P 65 2 2'
#
loop_
_entity.id
_entity.type
_entity.pdbx_description
1 polymer '6-phosphofructo-2-kinase/fructose-2,6-biphosphatase 3 (6PF-2-K/Fru- 2,6-P2ASE brain/placenta-type isozyme) (iPFK-2) [Includes: 6- phosphofructo-2-kinase (EC 2.7.1.105); Fructose-2,6-bisphosphatase (EC 3.1.3.46)]'
2 non-polymer 6-O-phosphono-beta-D-fructofuranose
3 non-polymer '{[-(BIS-CARBOXYMETHYL-AMINO)-ETHYL]-CARBOXYMETHYL-AMINO}-ACETIC ACID'
4 non-polymer "ADENOSINE-5'-DIPHOSPHATE"
5 water water
#
_entity_poly.entity_id   1
_entity_poly.type   'polypeptide(L)'
_entity_poly.pdbx_seq_one_letter_code
;MPLELTQSRVQKIWVPVDHRPSLPRSCGPKLTNSPTVIVMVGLPARGKTYISKKLTRYLNWIGVPTKVFNVGEYRREAVK
QYSSYNFFRPDNEEAMKVRKQCALAALRDVKSYLAKEGGQIAVFDATNTTRERRHMILHFAKENDFKAFFIESVCDDPTV
VASNIMEVKISSPDYKDCNSAEAMDDFMKRISCYEASYQPLDPDKCDRDLSLIKVIDVGRRFLVNRVQDHIQSRIVYYLM
NIHVQPRTIYLCRHGENEHNLQGRIGGDSGLSSRGKKFASALSKFVEEQNLKDLRVWTSQLKSTIQTAEALRLPYEQWKA
LNEIDAGVCEELTYEEIRDTYPEEYALREQDKYYYRYPTGESYQDLVQRLEPVIMELERQENVLVICHQAVLRCLLAYFL
DKSAEEMPYLKCPLHTVLKLTPVAYGCRVESIYLNVESVCTHRERSEDAKKGPNPLMRRNSVTPLASPEPTKKPRINSFE
EHVASTSAALPSCLPPEVPTQLPGQNMKGSRSSADSSRKH
;
_entity_poly.pdbx_strand_id   A
#
loop_
_chem_comp.id
_chem_comp.type
_chem_comp.name
_chem_comp.formula
ADP non-polymer ADENOSINE-5'-DIPHOSPHATE 'C10 H15 N5 O10 P2'
EDT non-polymer '{[-(BIS-CARBOXYMETHYL-AMINO)-ETHYL]-CARBOXYMETHYL-AMINO}-ACETIC ACID' 'C10 H16 N2 O8'
F6P D-saccharide, beta linking 6-O-phosphono-beta-D-fructofuranose 'C6 H13 O9 P'
#
# COMPACT_ATOMS: atom_id res chain seq x y z
N LEU A 3 26.71 -24.65 -7.52
CA LEU A 3 28.12 -25.05 -7.80
C LEU A 3 28.72 -24.00 -8.73
N GLU A 4 28.73 -24.17 -10.05
CA GLU A 4 29.26 -23.04 -10.81
C GLU A 4 28.10 -22.06 -10.98
N LEU A 5 28.14 -21.02 -10.17
CA LEU A 5 27.09 -20.02 -10.19
C LEU A 5 27.69 -18.68 -10.61
N THR A 6 26.83 -17.77 -11.01
CA THR A 6 27.27 -16.44 -11.36
C THR A 6 26.36 -15.46 -10.58
N GLN A 7 26.92 -14.33 -10.16
CA GLN A 7 26.13 -13.36 -9.42
C GLN A 7 25.50 -12.28 -10.31
N SER A 8 24.18 -12.21 -10.35
CA SER A 8 23.52 -11.20 -11.20
C SER A 8 24.07 -9.83 -10.86
N ARG A 9 24.31 -9.02 -11.89
CA ARG A 9 24.90 -7.70 -11.70
C ARG A 9 24.09 -6.68 -10.92
N VAL A 10 22.79 -6.66 -11.19
CA VAL A 10 21.91 -5.70 -10.53
C VAL A 10 21.51 -6.13 -9.12
N GLN A 11 20.74 -7.22 -9.01
CA GLN A 11 20.28 -7.70 -7.71
C GLN A 11 21.33 -8.46 -6.89
N LYS A 12 22.43 -8.84 -7.51
CA LYS A 12 23.50 -9.55 -6.81
C LYS A 12 23.06 -10.91 -6.29
N ILE A 13 22.25 -11.62 -7.06
CA ILE A 13 21.75 -12.93 -6.70
C ILE A 13 22.58 -14.01 -7.42
N TRP A 14 23.03 -15.03 -6.69
CA TRP A 14 23.79 -16.11 -7.29
C TRP A 14 22.81 -17.03 -7.98
N VAL A 15 23.08 -17.29 -9.26
CA VAL A 15 22.23 -18.14 -10.07
C VAL A 15 23.13 -19.10 -10.85
N PRO A 16 22.61 -20.30 -11.16
CA PRO A 16 23.45 -21.25 -11.90
C PRO A 16 23.74 -20.69 -13.29
N VAL A 17 24.99 -20.75 -13.72
CA VAL A 17 25.33 -20.25 -15.06
C VAL A 17 24.54 -21.13 -16.00
N ASP A 18 23.82 -20.53 -16.93
CA ASP A 18 23.13 -21.37 -17.86
C ASP A 18 23.65 -20.97 -19.22
N HIS A 19 24.62 -21.78 -19.64
CA HIS A 19 25.19 -21.60 -20.94
C HIS A 19 24.04 -22.12 -21.73
N ARG A 20 23.37 -21.25 -22.44
CA ARG A 20 22.25 -21.72 -23.21
C ARG A 20 22.73 -22.55 -24.39
N PRO A 21 21.95 -23.57 -24.75
CA PRO A 21 22.26 -24.45 -25.87
C PRO A 21 21.97 -23.73 -27.18
N SER A 22 22.37 -24.36 -28.28
CA SER A 22 22.18 -23.79 -29.61
C SER A 22 20.87 -23.05 -29.70
N LEU A 23 19.79 -23.76 -29.37
CA LEU A 23 18.40 -23.24 -29.39
C LEU A 23 17.90 -23.04 -27.95
N PRO A 24 18.11 -21.84 -27.39
CA PRO A 24 17.61 -21.70 -26.01
C PRO A 24 16.08 -21.83 -25.96
N ARG A 25 15.58 -22.47 -24.90
CA ARG A 25 14.13 -22.62 -24.72
C ARG A 25 13.69 -21.77 -23.55
N SER A 26 12.39 -21.47 -23.50
CA SER A 26 11.85 -20.62 -22.44
C SER A 26 10.98 -21.21 -21.33
N CYS A 27 9.74 -21.58 -21.69
CA CYS A 27 8.65 -22.06 -20.81
C CYS A 27 7.92 -20.73 -20.78
N GLY A 28 6.73 -20.60 -20.19
CA GLY A 28 6.09 -19.30 -20.28
C GLY A 28 5.04 -18.91 -19.25
N PRO A 29 5.34 -18.03 -18.28
CA PRO A 29 6.58 -17.30 -18.01
C PRO A 29 7.88 -18.03 -18.31
N ASN A 33 2.05 -21.50 -7.56
CA ASN A 33 1.54 -20.51 -6.62
C ASN A 33 0.19 -19.93 -7.05
N SER A 34 -0.75 -20.82 -7.36
CA SER A 34 -2.11 -20.47 -7.80
C SER A 34 -2.60 -19.11 -7.30
N PRO A 35 -3.05 -18.24 -8.22
CA PRO A 35 -3.56 -16.89 -7.95
C PRO A 35 -4.85 -16.99 -7.14
N THR A 36 -5.18 -15.90 -6.48
CA THR A 36 -6.36 -15.88 -5.62
C THR A 36 -7.38 -14.79 -5.89
N VAL A 37 -8.66 -15.16 -5.76
CA VAL A 37 -9.72 -14.18 -5.93
C VAL A 37 -10.24 -13.83 -4.53
N ILE A 38 -10.06 -12.59 -4.12
CA ILE A 38 -10.58 -12.17 -2.83
C ILE A 38 -12.01 -11.67 -3.11
N VAL A 39 -12.98 -12.32 -2.46
CA VAL A 39 -14.37 -11.97 -2.64
C VAL A 39 -14.90 -11.11 -1.49
N MET A 40 -15.12 -9.83 -1.74
CA MET A 40 -15.65 -8.95 -0.68
C MET A 40 -17.14 -9.31 -0.51
N VAL A 41 -17.65 -9.22 0.71
CA VAL A 41 -19.04 -9.53 1.00
C VAL A 41 -19.62 -8.53 2.00
N GLY A 42 -20.88 -8.13 1.78
CA GLY A 42 -21.50 -7.21 2.71
C GLY A 42 -22.38 -6.11 2.11
N LEU A 43 -23.26 -5.59 2.94
CA LEU A 43 -24.19 -4.51 2.56
C LEU A 43 -23.43 -3.26 2.15
N PRO A 44 -24.09 -2.36 1.41
CA PRO A 44 -23.33 -1.17 1.05
C PRO A 44 -23.00 -0.32 2.27
N ALA A 45 -21.94 0.47 2.12
CA ALA A 45 -21.46 1.35 3.18
C ALA A 45 -20.93 0.55 4.35
N ARG A 46 -20.28 -0.57 4.06
CA ARG A 46 -19.70 -1.39 5.13
C ARG A 46 -18.15 -1.43 5.05
N GLY A 47 -17.57 -0.57 4.22
CA GLY A 47 -16.12 -0.52 4.11
C GLY A 47 -15.49 -1.50 3.12
N LYS A 48 -16.30 -2.17 2.30
CA LYS A 48 -15.75 -3.14 1.34
C LYS A 48 -14.74 -2.53 0.37
N THR A 49 -15.05 -1.33 -0.14
CA THR A 49 -14.18 -0.68 -1.11
C THR A 49 -12.95 -0.11 -0.42
N TYR A 50 -13.14 0.35 0.80
CA TYR A 50 -12.06 0.91 1.62
C TYR A 50 -11.06 -0.24 1.88
N ILE A 51 -11.59 -1.36 2.33
CA ILE A 51 -10.75 -2.52 2.60
C ILE A 51 -10.08 -3.01 1.30
N SER A 52 -10.83 -3.05 0.20
CA SER A 52 -10.28 -3.50 -1.07
C SER A 52 -9.07 -2.66 -1.49
N LYS A 53 -9.22 -1.35 -1.43
CA LYS A 53 -8.14 -0.46 -1.85
C LYS A 53 -6.93 -0.48 -0.90
N LYS A 54 -7.18 -0.45 0.40
CA LYS A 54 -6.10 -0.45 1.37
C LYS A 54 -5.31 -1.78 1.33
N LEU A 55 -5.99 -2.90 1.37
CA LEU A 55 -5.31 -4.20 1.31
C LEU A 55 -4.48 -4.29 0.02
N THR A 56 -5.04 -3.78 -1.08
CA THR A 56 -4.35 -3.81 -2.35
C THR A 56 -3.10 -2.92 -2.31
N ARG A 57 -3.21 -1.79 -1.60
CA ARG A 57 -2.10 -0.86 -1.45
C ARG A 57 -0.97 -1.57 -0.71
N TYR A 58 -1.34 -2.29 0.34
CA TYR A 58 -0.40 -3.05 1.12
C TYR A 58 0.24 -4.22 0.35
N LEU A 59 -0.59 -5.03 -0.31
CA LEU A 59 -0.05 -6.18 -1.05
C LEU A 59 0.90 -5.76 -2.16
N ASN A 60 0.52 -4.76 -2.95
CA ASN A 60 1.42 -4.34 -4.01
C ASN A 60 2.73 -3.80 -3.40
N TRP A 61 2.65 -3.08 -2.30
CA TRP A 61 3.85 -2.51 -1.68
C TRP A 61 4.81 -3.63 -1.22
N ILE A 62 4.27 -4.70 -0.63
CA ILE A 62 5.15 -5.78 -0.23
C ILE A 62 5.53 -6.67 -1.42
N GLY A 63 5.11 -6.28 -2.63
CA GLY A 63 5.48 -7.05 -3.80
C GLY A 63 4.55 -8.13 -4.34
N VAL A 64 3.29 -8.14 -3.92
CA VAL A 64 2.34 -9.14 -4.43
C VAL A 64 1.39 -8.37 -5.36
N PRO A 65 1.53 -8.55 -6.69
CA PRO A 65 0.68 -7.86 -7.67
C PRO A 65 -0.79 -8.12 -7.40
N THR A 66 -1.49 -7.05 -7.06
CA THR A 66 -2.89 -7.15 -6.71
C THR A 66 -3.63 -6.03 -7.42
N LYS A 67 -4.90 -6.25 -7.70
CA LYS A 67 -5.70 -5.24 -8.36
C LYS A 67 -7.16 -5.34 -7.90
N VAL A 68 -7.80 -4.19 -7.75
CA VAL A 68 -9.19 -4.14 -7.33
C VAL A 68 -10.14 -4.14 -8.54
N PHE A 69 -11.16 -4.98 -8.49
CA PHE A 69 -12.15 -5.01 -9.55
C PHE A 69 -13.45 -4.59 -8.85
N ASN A 70 -13.75 -3.29 -8.96
CA ASN A 70 -14.91 -2.70 -8.31
C ASN A 70 -16.10 -2.75 -9.29
N VAL A 71 -17.03 -3.68 -9.05
CA VAL A 71 -18.17 -3.81 -9.96
C VAL A 71 -18.96 -2.52 -10.09
N GLY A 72 -18.92 -1.70 -9.04
CA GLY A 72 -19.60 -0.42 -9.12
C GLY A 72 -19.06 0.43 -10.25
N GLU A 73 -17.74 0.38 -10.46
CA GLU A 73 -17.13 1.16 -11.54
C GLU A 73 -17.57 0.63 -12.89
N TYR A 74 -17.76 -0.69 -12.98
CA TYR A 74 -18.22 -1.24 -14.24
C TYR A 74 -19.64 -0.73 -14.47
N ARG A 75 -20.46 -0.77 -13.42
CA ARG A 75 -21.85 -0.32 -13.53
C ARG A 75 -21.90 1.14 -13.97
N ARG A 76 -21.12 2.00 -13.32
CA ARG A 76 -21.09 3.42 -13.65
C ARG A 76 -20.60 3.65 -15.07
N GLU A 77 -19.90 2.65 -15.60
CA GLU A 77 -19.39 2.74 -16.94
C GLU A 77 -20.47 2.36 -17.96
N ALA A 78 -21.33 1.42 -17.58
CA ALA A 78 -22.36 0.89 -18.45
C ALA A 78 -23.69 1.65 -18.44
N VAL A 79 -23.87 2.50 -17.43
CA VAL A 79 -25.09 3.26 -17.27
C VAL A 79 -24.94 4.79 -17.33
N LYS A 80 -23.70 5.26 -17.30
CA LYS A 80 -23.42 6.71 -17.44
C LYS A 80 -23.85 7.66 -16.30
N GLN A 81 -25.14 7.75 -15.96
CA GLN A 81 -25.54 8.60 -14.81
C GLN A 81 -26.64 8.09 -13.85
N TYR A 82 -26.30 7.97 -12.58
CA TYR A 82 -27.20 7.49 -11.53
C TYR A 82 -28.31 8.49 -11.20
N SER A 83 -29.52 7.99 -10.98
CA SER A 83 -30.67 8.85 -10.64
C SER A 83 -31.22 8.55 -9.24
N SER A 84 -31.53 7.29 -8.94
CA SER A 84 -32.02 6.94 -7.60
C SER A 84 -31.88 5.45 -7.29
N TYR A 85 -32.15 5.10 -6.04
CA TYR A 85 -32.06 3.74 -5.55
C TYR A 85 -33.01 2.82 -6.33
N ASN A 86 -33.93 3.41 -7.08
CA ASN A 86 -34.83 2.60 -7.87
C ASN A 86 -34.02 1.67 -8.76
N PHE A 87 -32.82 2.10 -9.11
CA PHE A 87 -31.95 1.26 -9.93
C PHE A 87 -31.63 -0.06 -9.20
N PHE A 88 -31.52 -0.01 -7.88
CA PHE A 88 -31.18 -1.19 -7.10
C PHE A 88 -32.34 -2.01 -6.52
N ARG A 89 -33.56 -1.75 -6.96
CA ARG A 89 -34.72 -2.51 -6.47
C ARG A 89 -34.61 -3.96 -6.86
N PRO A 90 -34.89 -4.88 -5.94
CA PRO A 90 -34.79 -6.28 -6.38
C PRO A 90 -35.81 -6.61 -7.45
N ASP A 91 -36.86 -5.81 -7.58
CA ASP A 91 -37.86 -6.10 -8.63
C ASP A 91 -37.54 -5.44 -9.98
N ASN A 92 -36.38 -4.75 -10.06
CA ASN A 92 -35.94 -4.07 -11.28
C ASN A 92 -35.23 -5.09 -12.16
N GLU A 93 -36.01 -5.81 -12.94
CA GLU A 93 -35.51 -6.87 -13.82
C GLU A 93 -34.35 -6.46 -14.72
N GLU A 94 -34.53 -5.38 -15.46
CA GLU A 94 -33.50 -4.90 -16.36
C GLU A 94 -32.21 -4.59 -15.61
N ALA A 95 -32.28 -3.74 -14.58
CA ALA A 95 -31.12 -3.39 -13.79
C ALA A 95 -30.45 -4.64 -13.22
N MET A 96 -31.25 -5.59 -12.73
CA MET A 96 -30.69 -6.82 -12.19
C MET A 96 -29.84 -7.48 -13.26
N LYS A 97 -30.33 -7.43 -14.49
CA LYS A 97 -29.62 -8.02 -15.62
C LYS A 97 -28.33 -7.26 -15.89
N VAL A 98 -28.42 -5.94 -15.93
CA VAL A 98 -27.26 -5.10 -16.17
C VAL A 98 -26.22 -5.26 -15.05
N ARG A 99 -26.67 -5.37 -13.80
CA ARG A 99 -25.74 -5.52 -12.70
C ARG A 99 -25.03 -6.87 -12.80
N LYS A 100 -25.77 -7.92 -13.14
CA LYS A 100 -25.16 -9.23 -13.26
C LYS A 100 -24.13 -9.22 -14.42
N GLN A 101 -24.45 -8.53 -15.51
CA GLN A 101 -23.54 -8.44 -16.65
C GLN A 101 -22.27 -7.68 -16.23
N CYS A 102 -22.41 -6.70 -15.34
CA CYS A 102 -21.25 -5.96 -14.87
C CYS A 102 -20.37 -6.88 -14.07
N ALA A 103 -21.00 -7.69 -13.22
CA ALA A 103 -20.26 -8.65 -12.40
C ALA A 103 -19.48 -9.61 -13.30
N LEU A 104 -20.13 -10.17 -14.31
CA LEU A 104 -19.46 -11.12 -15.21
C LEU A 104 -18.35 -10.45 -16.03
N ALA A 105 -18.56 -9.19 -16.40
CA ALA A 105 -17.54 -8.49 -17.15
C ALA A 105 -16.29 -8.34 -16.26
N ALA A 106 -16.52 -8.02 -14.98
CA ALA A 106 -15.43 -7.85 -14.02
C ALA A 106 -14.70 -9.18 -13.80
N LEU A 107 -15.46 -10.27 -13.70
CA LEU A 107 -14.85 -11.57 -13.52
C LEU A 107 -14.00 -11.92 -14.75
N ARG A 108 -14.48 -11.52 -15.92
CA ARG A 108 -13.80 -11.73 -17.18
C ARG A 108 -12.41 -11.06 -17.04
N ASP A 109 -12.41 -9.83 -16.55
CA ASP A 109 -11.17 -9.10 -16.34
C ASP A 109 -10.34 -9.72 -15.23
N VAL A 110 -10.99 -10.27 -14.20
CA VAL A 110 -10.27 -10.92 -13.13
C VAL A 110 -9.49 -12.08 -13.76
N LYS A 111 -10.18 -12.89 -14.55
CA LYS A 111 -9.58 -14.05 -15.20
C LYS A 111 -8.37 -13.62 -16.04
N SER A 112 -8.53 -12.58 -16.83
CA SER A 112 -7.46 -12.12 -17.67
C SER A 112 -6.27 -11.61 -16.85
N TYR A 113 -6.57 -11.00 -15.70
CA TYR A 113 -5.53 -10.45 -14.85
C TYR A 113 -4.69 -11.56 -14.20
N LEU A 114 -5.34 -12.53 -13.57
CA LEU A 114 -4.62 -13.59 -12.91
C LEU A 114 -3.99 -14.63 -13.85
N ALA A 115 -4.64 -14.93 -14.97
CA ALA A 115 -4.14 -15.95 -15.87
C ALA A 115 -3.29 -15.46 -17.02
N LYS A 116 -3.32 -14.17 -17.33
CA LYS A 116 -2.54 -13.69 -18.46
C LYS A 116 -1.69 -12.44 -18.23
N GLU A 117 -1.94 -11.70 -17.16
CA GLU A 117 -1.21 -10.47 -16.94
C GLU A 117 -0.20 -10.49 -15.81
N GLY A 118 -0.02 -11.65 -15.20
CA GLY A 118 0.93 -11.78 -14.11
C GLY A 118 0.36 -11.34 -12.77
N GLY A 119 -0.96 -11.19 -12.70
CA GLY A 119 -1.57 -10.79 -11.45
C GLY A 119 -1.60 -11.97 -10.50
N GLN A 120 -1.52 -11.71 -9.20
CA GLN A 120 -1.55 -12.79 -8.23
C GLN A 120 -2.79 -12.74 -7.35
N ILE A 121 -3.23 -11.53 -7.01
CA ILE A 121 -4.43 -11.41 -6.18
C ILE A 121 -5.39 -10.46 -6.87
N ALA A 122 -6.66 -10.87 -6.98
CA ALA A 122 -7.68 -10.02 -7.59
C ALA A 122 -8.72 -9.79 -6.51
N VAL A 123 -9.02 -8.54 -6.20
CA VAL A 123 -10.03 -8.24 -5.21
C VAL A 123 -11.33 -7.91 -5.93
N PHE A 124 -12.30 -8.79 -5.80
CA PHE A 124 -13.62 -8.66 -6.42
C PHE A 124 -14.52 -7.89 -5.43
N ASP A 125 -14.65 -6.59 -5.65
CA ASP A 125 -15.43 -5.71 -4.78
C ASP A 125 -16.89 -5.55 -5.21
N ALA A 126 -17.79 -6.28 -4.56
CA ALA A 126 -19.22 -6.19 -4.83
C ALA A 126 -19.93 -6.66 -3.56
N THR A 127 -21.24 -6.42 -3.46
CA THR A 127 -21.95 -6.86 -2.28
C THR A 127 -21.91 -8.38 -2.09
N ASN A 128 -22.07 -9.13 -3.18
CA ASN A 128 -22.04 -10.60 -3.11
C ASN A 128 -22.72 -11.09 -1.84
N THR A 129 -23.89 -10.52 -1.58
CA THR A 129 -24.68 -10.82 -0.38
C THR A 129 -25.57 -12.08 -0.41
N THR A 130 -25.69 -12.75 -1.55
CA THR A 130 -26.52 -13.96 -1.60
C THR A 130 -25.64 -15.17 -1.81
N ARG A 131 -26.07 -16.32 -1.28
CA ARG A 131 -25.31 -17.57 -1.44
C ARG A 131 -25.19 -17.92 -2.90
N GLU A 132 -26.25 -17.63 -3.66
CA GLU A 132 -26.27 -17.91 -5.09
C GLU A 132 -25.15 -17.19 -5.85
N ARG A 133 -25.00 -15.89 -5.62
CA ARG A 133 -23.94 -15.15 -6.30
C ARG A 133 -22.55 -15.67 -5.87
N ARG A 134 -22.39 -15.96 -4.59
CA ARG A 134 -21.12 -16.45 -4.11
C ARG A 134 -20.81 -17.82 -4.75
N HIS A 135 -21.86 -18.64 -4.89
CA HIS A 135 -21.70 -19.96 -5.49
C HIS A 135 -21.21 -19.80 -6.91
N MET A 136 -21.71 -18.78 -7.59
CA MET A 136 -21.28 -18.55 -8.96
C MET A 136 -19.80 -18.20 -9.01
N ILE A 137 -19.38 -17.30 -8.12
CA ILE A 137 -17.98 -16.87 -8.08
C ILE A 137 -17.07 -18.04 -7.75
N LEU A 138 -17.52 -18.90 -6.86
CA LEU A 138 -16.75 -20.08 -6.47
C LEU A 138 -16.56 -20.95 -7.72
N HIS A 139 -17.63 -21.10 -8.50
CA HIS A 139 -17.60 -21.91 -9.71
C HIS A 139 -16.57 -21.33 -10.68
N PHE A 140 -16.62 -20.02 -10.84
CA PHE A 140 -15.68 -19.33 -11.70
C PHE A 140 -14.25 -19.60 -11.21
N ALA A 141 -14.06 -19.56 -9.89
CA ALA A 141 -12.73 -19.79 -9.33
C ALA A 141 -12.25 -21.22 -9.59
N LYS A 142 -13.12 -22.19 -9.31
CA LYS A 142 -12.81 -23.60 -9.49
C LYS A 142 -12.41 -23.90 -10.93
N GLU A 143 -13.24 -23.47 -11.88
CA GLU A 143 -12.94 -23.74 -13.27
C GLU A 143 -11.67 -23.06 -13.78
N ASN A 144 -11.19 -22.04 -13.09
CA ASN A 144 -9.99 -21.35 -13.54
C ASN A 144 -8.79 -21.68 -12.69
N ASP A 145 -8.99 -22.58 -11.74
CA ASP A 145 -7.91 -22.97 -10.85
C ASP A 145 -7.45 -21.83 -9.95
N PHE A 146 -8.38 -20.98 -9.55
CA PHE A 146 -8.07 -19.87 -8.66
C PHE A 146 -8.54 -20.25 -7.28
N LYS A 147 -7.89 -19.71 -6.26
CA LYS A 147 -8.33 -19.96 -4.90
C LYS A 147 -9.35 -18.87 -4.63
N ALA A 148 -10.15 -19.03 -3.61
CA ALA A 148 -11.13 -18.02 -3.28
C ALA A 148 -11.07 -17.78 -1.78
N PHE A 149 -10.96 -16.51 -1.40
CA PHE A 149 -10.91 -16.14 0.02
C PHE A 149 -11.97 -15.03 0.22
N PHE A 150 -12.89 -15.22 1.17
CA PHE A 150 -13.92 -14.21 1.36
C PHE A 150 -13.68 -13.26 2.53
N ILE A 151 -13.93 -11.97 2.30
CA ILE A 151 -13.80 -11.00 3.36
C ILE A 151 -15.18 -10.35 3.49
N GLU A 152 -15.85 -10.62 4.60
CA GLU A 152 -17.17 -10.05 4.84
C GLU A 152 -17.08 -8.98 5.90
N SER A 153 -17.64 -7.82 5.63
CA SER A 153 -17.64 -6.80 6.66
C SER A 153 -19.07 -6.67 7.17
N VAL A 154 -19.27 -6.85 8.46
CA VAL A 154 -20.58 -6.74 9.07
C VAL A 154 -20.59 -5.56 10.01
N CYS A 155 -21.56 -4.68 9.86
CA CYS A 155 -21.67 -3.50 10.72
C CYS A 155 -23.12 -3.12 10.98
N ASP A 156 -23.55 -3.27 12.22
CA ASP A 156 -24.91 -2.94 12.59
C ASP A 156 -24.97 -1.67 13.43
N ASP A 157 -23.98 -0.80 13.29
CA ASP A 157 -23.96 0.44 14.06
C ASP A 157 -24.40 1.57 13.14
N PRO A 158 -25.64 2.05 13.30
CA PRO A 158 -26.18 3.15 12.47
C PRO A 158 -25.29 4.37 12.42
N THR A 159 -24.61 4.65 13.52
CA THR A 159 -23.70 5.80 13.56
C THR A 159 -22.56 5.59 12.57
N VAL A 160 -22.04 4.37 12.51
CA VAL A 160 -20.95 4.05 11.59
C VAL A 160 -21.39 4.13 10.14
N VAL A 161 -22.56 3.57 9.88
CA VAL A 161 -23.10 3.56 8.52
C VAL A 161 -23.29 5.00 8.06
N ALA A 162 -23.95 5.79 8.90
CA ALA A 162 -24.20 7.19 8.60
C ALA A 162 -22.86 7.87 8.29
N SER A 163 -21.90 7.68 9.18
CA SER A 163 -20.59 8.29 9.01
C SER A 163 -19.95 7.87 7.69
N ASN A 164 -20.05 6.58 7.37
CA ASN A 164 -19.47 6.09 6.10
C ASN A 164 -20.13 6.77 4.90
N ILE A 165 -21.44 6.96 4.99
CA ILE A 165 -22.15 7.59 3.86
C ILE A 165 -21.69 9.03 3.67
N MET A 166 -21.53 9.74 4.78
CA MET A 166 -21.08 11.13 4.73
C MET A 166 -19.65 11.26 4.20
N GLU A 167 -18.80 10.29 4.51
CA GLU A 167 -17.40 10.36 4.10
C GLU A 167 -17.06 9.99 2.66
N VAL A 168 -17.76 9.02 2.09
CA VAL A 168 -17.44 8.61 0.72
C VAL A 168 -18.61 8.49 -0.24
N LYS A 169 -19.82 8.40 0.28
CA LYS A 169 -20.94 8.25 -0.63
C LYS A 169 -21.52 9.55 -1.18
N ILE A 170 -21.79 10.53 -0.33
CA ILE A 170 -22.41 11.77 -0.81
C ILE A 170 -21.57 12.50 -1.85
N SER A 171 -20.26 12.40 -1.75
CA SER A 171 -19.38 13.05 -2.71
C SER A 171 -19.05 12.11 -3.85
N SER A 172 -19.74 10.98 -3.90
CA SER A 172 -19.54 10.01 -4.98
C SER A 172 -20.11 10.58 -6.29
N PRO A 173 -19.62 10.11 -7.43
CA PRO A 173 -20.19 10.65 -8.66
C PRO A 173 -21.64 10.24 -8.91
N ASP A 174 -22.10 9.22 -8.19
CA ASP A 174 -23.47 8.75 -8.33
C ASP A 174 -24.39 9.84 -7.80
N TYR A 175 -23.88 10.65 -6.86
CA TYR A 175 -24.69 11.71 -6.26
C TYR A 175 -24.30 13.14 -6.62
N LYS A 176 -23.62 13.31 -7.76
CA LYS A 176 -23.21 14.65 -8.18
C LYS A 176 -24.40 15.60 -8.32
N ASP A 177 -25.60 15.05 -8.48
CA ASP A 177 -26.79 15.89 -8.62
C ASP A 177 -27.72 15.83 -7.40
N CYS A 178 -27.14 15.68 -6.22
CA CYS A 178 -27.91 15.62 -5.00
C CYS A 178 -27.19 16.39 -3.91
N ASN A 179 -27.95 16.94 -2.97
CA ASN A 179 -27.33 17.64 -1.86
C ASN A 179 -27.13 16.52 -0.85
N SER A 180 -26.50 16.83 0.27
CA SER A 180 -26.23 15.81 1.28
C SER A 180 -27.46 15.06 1.76
N ALA A 181 -28.48 15.79 2.21
CA ALA A 181 -29.68 15.16 2.71
C ALA A 181 -30.34 14.17 1.75
N GLU A 182 -30.55 14.57 0.50
CA GLU A 182 -31.19 13.66 -0.44
C GLU A 182 -30.28 12.49 -0.78
N ALA A 183 -28.97 12.75 -0.83
CA ALA A 183 -28.02 11.69 -1.12
C ALA A 183 -28.07 10.69 0.04
N MET A 184 -28.07 11.20 1.27
CA MET A 184 -28.13 10.35 2.44
C MET A 184 -29.40 9.51 2.45
N ASP A 185 -30.54 10.17 2.20
CA ASP A 185 -31.83 9.51 2.19
C ASP A 185 -31.88 8.45 1.09
N ASP A 186 -31.35 8.80 -0.08
CA ASP A 186 -31.33 7.87 -1.20
C ASP A 186 -30.47 6.63 -0.88
N PHE A 187 -29.30 6.86 -0.29
CA PHE A 187 -28.42 5.74 0.00
C PHE A 187 -29.03 4.78 1.03
N MET A 188 -29.73 5.31 2.03
CA MET A 188 -30.34 4.43 3.03
C MET A 188 -31.38 3.52 2.38
N LYS A 189 -32.20 4.10 1.51
CA LYS A 189 -33.21 3.33 0.81
C LYS A 189 -32.53 2.25 -0.02
N ARG A 190 -31.41 2.65 -0.61
CA ARG A 190 -30.60 1.77 -1.44
C ARG A 190 -30.13 0.57 -0.59
N ILE A 191 -29.62 0.85 0.60
CA ILE A 191 -29.17 -0.24 1.45
C ILE A 191 -30.33 -1.20 1.77
N SER A 192 -31.50 -0.63 2.10
CA SER A 192 -32.63 -1.48 2.45
C SER A 192 -33.00 -2.43 1.33
N CYS A 193 -32.70 -2.08 0.08
CA CYS A 193 -32.98 -2.95 -1.07
C CYS A 193 -32.31 -4.31 -0.96
N TYR A 194 -31.14 -4.35 -0.32
CA TYR A 194 -30.36 -5.58 -0.19
C TYR A 194 -30.68 -6.39 1.03
N GLU A 195 -31.36 -5.79 1.98
CA GLU A 195 -31.59 -6.50 3.22
C GLU A 195 -32.43 -7.76 3.22
N ALA A 196 -33.46 -7.82 2.40
CA ALA A 196 -34.28 -9.02 2.39
C ALA A 196 -33.52 -10.29 1.97
N SER A 197 -32.73 -10.19 0.91
CA SER A 197 -32.02 -11.33 0.39
C SER A 197 -30.62 -11.54 0.95
N TYR A 198 -30.21 -10.71 1.89
CA TYR A 198 -28.86 -10.83 2.46
C TYR A 198 -28.66 -12.09 3.29
N GLN A 199 -27.72 -12.94 2.85
CA GLN A 199 -27.37 -14.17 3.56
C GLN A 199 -25.90 -14.03 3.97
N PRO A 200 -25.66 -13.66 5.23
CA PRO A 200 -24.26 -13.50 5.67
C PRO A 200 -23.52 -14.84 5.70
N LEU A 201 -22.18 -14.81 5.69
CA LEU A 201 -21.42 -16.04 5.70
C LEU A 201 -21.72 -16.81 7.00
N ASP A 202 -21.83 -18.13 6.87
CA ASP A 202 -22.12 -19.00 7.98
C ASP A 202 -21.03 -20.07 8.05
N PRO A 203 -19.89 -19.74 8.66
CA PRO A 203 -18.76 -20.66 8.79
C PRO A 203 -19.04 -21.88 9.66
N ASP A 204 -19.98 -21.74 10.58
CA ASP A 204 -20.32 -22.85 11.45
C ASP A 204 -21.32 -23.82 10.82
N LYS A 205 -21.72 -23.56 9.58
CA LYS A 205 -22.67 -24.45 8.90
C LYS A 205 -22.51 -24.46 7.38
N CYS A 206 -23.38 -23.70 6.70
CA CYS A 206 -23.40 -23.59 5.24
C CYS A 206 -22.05 -23.26 4.59
N ASP A 207 -21.25 -22.43 5.25
CA ASP A 207 -19.97 -22.04 4.68
C ASP A 207 -18.75 -22.64 5.38
N ARG A 208 -18.96 -23.77 6.05
CA ARG A 208 -17.90 -24.49 6.78
C ARG A 208 -16.63 -24.74 5.99
N ASP A 209 -16.78 -24.97 4.69
CA ASP A 209 -15.63 -25.25 3.84
C ASP A 209 -15.05 -24.05 3.10
N LEU A 210 -15.54 -22.85 3.37
CA LEU A 210 -15.00 -21.68 2.67
C LEU A 210 -13.89 -21.03 3.49
N SER A 211 -12.89 -20.48 2.79
CA SER A 211 -11.79 -19.78 3.47
C SER A 211 -12.31 -18.36 3.63
N LEU A 212 -12.45 -17.88 4.86
CA LEU A 212 -13.00 -16.54 5.02
C LEU A 212 -12.62 -15.85 6.31
N ILE A 213 -12.89 -14.55 6.34
CA ILE A 213 -12.70 -13.76 7.54
C ILE A 213 -13.92 -12.85 7.56
N LYS A 214 -14.58 -12.79 8.70
CA LYS A 214 -15.75 -11.94 8.86
C LYS A 214 -15.31 -10.85 9.82
N VAL A 215 -15.25 -9.61 9.33
CA VAL A 215 -14.85 -8.45 10.13
C VAL A 215 -16.12 -7.85 10.75
N ILE A 216 -16.15 -7.80 12.08
CA ILE A 216 -17.32 -7.32 12.81
C ILE A 216 -17.08 -6.08 13.69
N ASP A 217 -18.06 -5.19 13.73
CA ASP A 217 -17.96 -3.98 14.55
C ASP A 217 -16.66 -3.25 14.24
N VAL A 218 -16.47 -2.94 12.97
CA VAL A 218 -15.29 -2.23 12.52
C VAL A 218 -13.95 -2.77 13.08
N GLY A 219 -13.81 -4.10 13.15
CA GLY A 219 -12.56 -4.67 13.63
C GLY A 219 -12.48 -4.98 15.11
N ARG A 220 -13.62 -5.00 15.79
CA ARG A 220 -13.65 -5.31 17.21
C ARG A 220 -13.56 -6.83 17.38
N ARG A 221 -14.29 -7.54 16.54
CA ARG A 221 -14.34 -9.00 16.59
C ARG A 221 -14.14 -9.62 15.19
N PHE A 222 -13.51 -10.79 15.14
CA PHE A 222 -13.29 -11.49 13.88
C PHE A 222 -13.61 -12.96 13.95
N LEU A 223 -14.06 -13.50 12.84
CA LEU A 223 -14.33 -14.90 12.72
C LEU A 223 -13.47 -15.31 11.53
N VAL A 224 -12.55 -16.24 11.74
CA VAL A 224 -11.65 -16.67 10.67
C VAL A 224 -11.78 -18.16 10.46
N ASN A 225 -12.03 -18.55 9.20
CA ASN A 225 -12.22 -19.94 8.86
C ASN A 225 -11.29 -20.39 7.75
N ARG A 226 -10.61 -21.50 8.03
CA ARG A 226 -9.65 -22.18 7.16
C ARG A 226 -8.72 -21.44 6.20
N VAL A 227 -7.78 -20.70 6.78
CA VAL A 227 -6.78 -20.00 6.00
C VAL A 227 -6.02 -21.10 5.24
N GLN A 228 -5.78 -20.91 3.96
CA GLN A 228 -5.13 -21.93 3.17
C GLN A 228 -3.64 -21.80 2.93
N ASP A 229 -3.13 -20.57 2.88
CA ASP A 229 -1.70 -20.39 2.58
C ASP A 229 -1.09 -19.15 3.21
N HIS A 230 0.15 -18.86 2.86
CA HIS A 230 0.82 -17.72 3.45
C HIS A 230 0.20 -16.39 3.04
N ILE A 231 -0.26 -16.28 1.81
CA ILE A 231 -0.84 -15.01 1.39
C ILE A 231 -2.12 -14.72 2.20
N GLN A 232 -3.02 -15.70 2.34
CA GLN A 232 -4.24 -15.50 3.13
C GLN A 232 -3.87 -15.22 4.59
N SER A 233 -2.77 -15.84 5.03
CA SER A 233 -2.27 -15.64 6.38
C SER A 233 -1.91 -14.17 6.61
N ARG A 234 -1.15 -13.60 5.67
CA ARG A 234 -0.71 -12.22 5.77
C ARG A 234 -1.91 -11.27 5.65
N ILE A 235 -2.86 -11.64 4.80
CA ILE A 235 -4.04 -10.80 4.59
C ILE A 235 -4.82 -10.68 5.90
N VAL A 236 -5.03 -11.82 6.57
CA VAL A 236 -5.76 -11.82 7.83
C VAL A 236 -4.99 -11.01 8.88
N TYR A 237 -3.68 -11.25 9.00
CA TYR A 237 -2.89 -10.51 9.97
C TYR A 237 -3.08 -8.99 9.74
N TYR A 238 -2.96 -8.55 8.49
CA TYR A 238 -3.13 -7.14 8.13
C TYR A 238 -4.53 -6.61 8.50
N LEU A 239 -5.56 -7.29 8.00
CA LEU A 239 -6.93 -6.88 8.28
C LEU A 239 -7.21 -6.73 9.77
N MET A 240 -6.66 -7.63 10.57
CA MET A 240 -6.87 -7.57 12.01
C MET A 240 -6.08 -6.48 12.73
N ASN A 241 -5.22 -5.76 12.02
CA ASN A 241 -4.43 -4.75 12.70
C ASN A 241 -4.58 -3.31 12.19
N ILE A 242 -5.55 -3.07 11.32
CA ILE A 242 -5.81 -1.72 10.84
C ILE A 242 -7.07 -1.25 11.56
N HIS A 243 -7.24 0.06 11.68
CA HIS A 243 -8.44 0.59 12.34
C HIS A 243 -8.82 1.84 11.57
N VAL A 244 -10.01 2.38 11.82
CA VAL A 244 -10.45 3.54 11.07
C VAL A 244 -10.41 4.88 11.77
N GLN A 245 -10.21 4.88 13.08
CA GLN A 245 -10.14 6.13 13.81
C GLN A 245 -9.12 7.05 13.15
N PRO A 246 -9.50 8.31 12.88
CA PRO A 246 -8.55 9.23 12.24
C PRO A 246 -7.38 9.56 13.16
N ARG A 247 -6.22 9.82 12.56
CA ARG A 247 -5.02 10.16 13.30
C ARG A 247 -4.07 10.81 12.31
N THR A 248 -2.89 11.19 12.76
CA THR A 248 -1.95 11.83 11.87
C THR A 248 -0.58 11.18 11.92
N ILE A 249 0.03 11.02 10.76
CA ILE A 249 1.37 10.44 10.70
C ILE A 249 2.26 11.51 10.09
N TYR A 250 3.33 11.86 10.81
CA TYR A 250 4.26 12.85 10.32
C TYR A 250 5.54 12.10 9.97
N LEU A 251 6.11 12.40 8.82
CA LEU A 251 7.34 11.77 8.38
C LEU A 251 8.34 12.87 8.08
N CYS A 252 9.57 12.70 8.52
CA CYS A 252 10.63 13.65 8.21
C CYS A 252 11.96 12.96 8.39
N ARG A 253 13.01 13.58 7.85
CA ARG A 253 14.36 13.06 7.95
C ARG A 253 15.04 13.73 9.14
N HIS A 254 16.20 13.20 9.51
CA HIS A 254 17.03 13.76 10.57
C HIS A 254 17.40 15.16 10.08
N GLY A 255 17.74 16.06 10.98
CA GLY A 255 18.17 17.37 10.51
C GLY A 255 19.46 17.12 9.73
N GLU A 256 19.86 18.08 8.88
CA GLU A 256 21.08 17.98 8.07
C GLU A 256 22.26 17.47 8.88
N ASN A 257 23.06 16.56 8.32
CA ASN A 257 24.21 16.08 9.06
C ASN A 257 25.51 16.41 8.36
N GLU A 258 26.63 16.08 8.98
CA GLU A 258 27.93 16.43 8.40
C GLU A 258 28.20 15.70 7.10
N HIS A 259 27.74 14.46 6.98
CA HIS A 259 27.95 13.75 5.71
C HIS A 259 27.13 14.40 4.60
N ASN A 260 25.97 14.95 4.95
CA ASN A 260 25.17 15.61 3.92
C ASN A 260 26.00 16.78 3.34
N LEU A 261 26.61 17.56 4.22
CA LEU A 261 27.43 18.70 3.84
C LEU A 261 28.57 18.30 2.91
N GLN A 262 29.08 17.09 3.09
CA GLN A 262 30.19 16.61 2.26
C GLN A 262 29.70 15.80 1.08
N GLY A 263 28.39 15.66 0.94
CA GLY A 263 27.87 14.85 -0.16
C GLY A 263 28.25 13.37 -0.04
N ARG A 264 28.39 12.86 1.18
CA ARG A 264 28.76 11.46 1.40
C ARG A 264 27.54 10.67 1.82
N ILE A 265 27.42 9.45 1.30
CA ILE A 265 26.27 8.60 1.62
C ILE A 265 26.51 7.66 2.78
N GLY A 266 25.42 7.22 3.42
CA GLY A 266 25.53 6.31 4.54
C GLY A 266 26.22 6.92 5.75
N GLY A 267 26.87 6.07 6.54
CA GLY A 267 27.58 6.55 7.71
C GLY A 267 26.69 6.81 8.89
N ASP A 268 27.29 7.31 9.96
CA ASP A 268 26.53 7.59 11.17
C ASP A 268 27.03 8.92 11.72
N SER A 269 27.07 9.95 10.87
CA SER A 269 27.54 11.26 11.29
C SER A 269 26.48 12.02 12.10
N GLY A 270 26.93 13.06 12.81
CA GLY A 270 26.03 13.84 13.64
C GLY A 270 25.48 15.09 12.95
N LEU A 271 24.50 15.71 13.58
CA LEU A 271 23.88 16.91 13.04
C LEU A 271 24.83 18.08 12.80
N SER A 272 24.63 18.80 11.70
CA SER A 272 25.42 20.01 11.41
C SER A 272 24.76 21.11 12.25
N SER A 273 25.30 22.32 12.20
CA SER A 273 24.69 23.41 12.98
C SER A 273 23.29 23.68 12.46
N ARG A 274 23.09 23.56 11.16
CA ARG A 274 21.76 23.77 10.60
C ARG A 274 20.81 22.62 11.05
N GLY A 275 21.30 21.38 10.95
CA GLY A 275 20.50 20.24 11.38
C GLY A 275 19.98 20.48 12.78
N LYS A 276 20.82 21.04 13.64
CA LYS A 276 20.38 21.31 15.02
C LYS A 276 19.31 22.40 15.01
N LYS A 277 19.47 23.40 14.15
CA LYS A 277 18.46 24.44 14.06
C LYS A 277 17.14 23.79 13.62
N PHE A 278 17.23 22.85 12.69
CA PHE A 278 16.01 22.16 12.26
C PHE A 278 15.37 21.43 13.42
N ALA A 279 16.21 20.72 14.18
CA ALA A 279 15.69 19.97 15.32
C ALA A 279 14.90 20.89 16.25
N SER A 280 15.38 22.11 16.47
CA SER A 280 14.65 23.06 17.33
C SER A 280 13.34 23.45 16.67
N ALA A 281 13.42 23.74 15.38
CA ALA A 281 12.23 24.12 14.63
C ALA A 281 11.20 22.99 14.72
N LEU A 282 11.68 21.75 14.60
CA LEU A 282 10.75 20.61 14.66
C LEU A 282 10.05 20.59 16.01
N SER A 283 10.79 20.85 17.08
CA SER A 283 10.17 20.88 18.39
C SER A 283 9.06 21.95 18.40
N LYS A 284 9.36 23.11 17.84
CA LYS A 284 8.38 24.18 17.82
C LYS A 284 7.18 23.72 16.99
N PHE A 285 7.46 23.09 15.86
CA PHE A 285 6.38 22.59 15.01
C PHE A 285 5.47 21.61 15.76
N VAL A 286 6.06 20.59 16.38
CA VAL A 286 5.30 19.59 17.11
C VAL A 286 4.42 20.22 18.17
N GLU A 287 5.02 21.13 18.90
CA GLU A 287 4.33 21.85 19.95
C GLU A 287 3.09 22.52 19.37
N GLU A 288 3.23 23.16 18.22
CA GLU A 288 2.09 23.84 17.65
C GLU A 288 0.97 22.92 17.13
N GLN A 289 1.29 21.66 16.83
CA GLN A 289 0.26 20.72 16.35
C GLN A 289 -0.69 20.40 17.49
N ASN A 290 -0.23 20.65 18.71
CA ASN A 290 -1.05 20.45 19.90
C ASN A 290 -1.74 19.08 19.94
N LEU A 291 -0.95 18.02 19.82
CA LEU A 291 -1.50 16.67 19.86
C LEU A 291 -1.51 16.10 21.27
N LYS A 292 -2.64 15.53 21.66
CA LYS A 292 -2.77 14.94 22.99
C LYS A 292 -1.59 13.98 23.25
N ASP A 293 -1.49 12.96 22.42
CA ASP A 293 -0.42 11.98 22.54
C ASP A 293 0.25 11.93 21.18
N LEU A 294 1.55 11.74 21.18
CA LEU A 294 2.34 11.67 19.96
C LEU A 294 3.52 10.76 20.17
N ARG A 295 3.54 9.64 19.46
CA ARG A 295 4.64 8.71 19.58
C ARG A 295 5.73 9.15 18.63
N VAL A 296 6.98 9.03 19.06
CA VAL A 296 8.09 9.42 18.22
C VAL A 296 9.01 8.22 17.97
N TRP A 297 9.32 7.97 16.70
CA TRP A 297 10.19 6.86 16.33
C TRP A 297 11.40 7.38 15.55
N THR A 298 12.55 6.76 15.80
CA THR A 298 13.79 7.13 15.14
C THR A 298 14.50 5.86 14.68
N SER A 299 15.57 6.02 13.91
CA SER A 299 16.37 4.87 13.52
C SER A 299 17.35 4.75 14.69
N GLN A 300 18.36 3.89 14.57
CA GLN A 300 19.34 3.80 15.64
C GLN A 300 20.58 4.60 15.19
N LEU A 301 20.45 5.45 14.17
CA LEU A 301 21.59 6.26 13.71
C LEU A 301 21.55 7.62 14.42
N LYS A 302 22.72 8.08 14.82
CA LYS A 302 22.86 9.34 15.57
C LYS A 302 22.02 10.54 15.12
N SER A 303 22.07 10.84 13.82
CA SER A 303 21.38 12.01 13.31
C SER A 303 19.88 12.06 13.60
N THR A 304 19.18 10.91 13.57
CA THR A 304 17.75 10.94 13.86
C THR A 304 17.53 11.08 15.37
N ILE A 305 18.40 10.45 16.13
CA ILE A 305 18.33 10.48 17.59
C ILE A 305 18.58 11.89 18.15
N GLN A 306 19.58 12.58 17.62
CA GLN A 306 19.85 13.94 18.07
C GLN A 306 18.61 14.79 17.75
N THR A 307 18.02 14.56 16.59
CA THR A 307 16.85 15.31 16.18
C THR A 307 15.71 15.11 17.16
N ALA A 308 15.47 13.87 17.56
CA ALA A 308 14.41 13.56 18.51
C ALA A 308 14.70 14.12 19.89
N GLU A 309 15.97 14.18 20.27
CA GLU A 309 16.31 14.69 21.60
C GLU A 309 15.81 16.12 21.77
N ALA A 310 15.80 16.88 20.67
CA ALA A 310 15.36 18.27 20.71
C ALA A 310 13.87 18.40 21.05
N LEU A 311 13.10 17.34 20.82
CA LEU A 311 11.66 17.40 21.08
C LEU A 311 11.24 17.32 22.53
N ARG A 312 12.15 16.84 23.37
CA ARG A 312 11.85 16.67 24.78
C ARG A 312 10.65 15.77 24.95
N LEU A 313 10.56 14.75 24.11
CA LEU A 313 9.46 13.79 24.19
C LEU A 313 10.06 12.40 24.18
N PRO A 314 9.34 11.43 24.75
CA PRO A 314 9.95 10.09 24.70
C PRO A 314 9.90 9.56 23.24
N TYR A 315 10.96 8.83 22.86
CA TYR A 315 11.07 8.25 21.52
C TYR A 315 11.60 6.82 21.56
N GLU A 316 11.33 6.09 20.50
CA GLU A 316 11.74 4.69 20.41
C GLU A 316 12.60 4.50 19.15
N GLN A 317 13.74 3.83 19.30
CA GLN A 317 14.64 3.60 18.17
C GLN A 317 14.37 2.26 17.48
N TRP A 318 14.26 2.28 16.16
CA TRP A 318 14.06 1.08 15.36
C TRP A 318 15.23 0.89 14.42
N LYS A 319 15.92 -0.25 14.53
CA LYS A 319 17.03 -0.51 13.62
C LYS A 319 16.45 -0.61 12.20
N ALA A 320 15.20 -1.02 12.11
CA ALA A 320 14.54 -1.16 10.81
C ALA A 320 14.42 0.18 10.09
N LEU A 321 14.56 1.28 10.82
CA LEU A 321 14.48 2.61 10.17
C LEU A 321 15.84 3.17 9.78
N ASN A 322 16.90 2.41 10.03
CA ASN A 322 18.26 2.85 9.62
C ASN A 322 18.26 3.03 8.12
N GLU A 323 19.11 3.94 7.62
CA GLU A 323 19.15 4.22 6.19
C GLU A 323 19.63 3.01 5.39
N ILE A 324 19.22 2.93 4.12
CA ILE A 324 19.62 1.83 3.25
C ILE A 324 21.13 1.62 3.44
N ASP A 325 21.55 0.36 3.48
CA ASP A 325 22.97 0.07 3.69
C ASP A 325 23.64 0.02 2.32
N ALA A 326 24.56 0.96 2.09
CA ALA A 326 25.26 1.04 0.80
C ALA A 326 26.42 0.07 0.63
N GLY A 327 26.57 -0.87 1.56
CA GLY A 327 27.63 -1.86 1.47
C GLY A 327 29.04 -1.29 1.33
N VAL A 328 29.76 -1.67 0.28
CA VAL A 328 31.12 -1.18 0.08
C VAL A 328 31.16 0.29 -0.33
N CYS A 329 30.00 0.90 -0.56
CA CYS A 329 29.97 2.30 -0.96
C CYS A 329 29.65 3.23 0.18
N GLU A 330 29.48 2.66 1.36
CA GLU A 330 29.21 3.46 2.53
C GLU A 330 30.36 4.45 2.74
N GLU A 331 30.02 5.67 3.16
CA GLU A 331 31.00 6.72 3.43
C GLU A 331 31.52 7.44 2.19
N LEU A 332 31.23 6.92 1.01
CA LEU A 332 31.69 7.54 -0.24
C LEU A 332 30.79 8.67 -0.77
N THR A 333 31.33 9.49 -1.67
CA THR A 333 30.55 10.55 -2.32
C THR A 333 30.08 9.90 -3.62
N TYR A 334 29.02 10.41 -4.23
CA TYR A 334 28.56 9.82 -5.48
C TYR A 334 29.66 9.91 -6.54
N GLU A 335 30.47 10.96 -6.46
CA GLU A 335 31.59 11.16 -7.39
C GLU A 335 32.62 10.03 -7.19
N GLU A 336 32.90 9.68 -5.95
CA GLU A 336 33.87 8.61 -5.70
C GLU A 336 33.30 7.26 -6.12
N ILE A 337 31.98 7.12 -6.02
CA ILE A 337 31.33 5.87 -6.42
C ILE A 337 31.44 5.74 -7.94
N ARG A 338 31.13 6.84 -8.63
CA ARG A 338 31.17 6.88 -10.08
C ARG A 338 32.60 6.55 -10.56
N ASP A 339 33.59 7.18 -9.94
CA ASP A 339 34.97 6.93 -10.34
C ASP A 339 35.49 5.55 -9.91
N THR A 340 35.25 5.15 -8.67
CA THR A 340 35.73 3.88 -8.16
C THR A 340 34.94 2.67 -8.61
N TYR A 341 33.62 2.83 -8.76
CA TYR A 341 32.77 1.73 -9.19
C TYR A 341 31.86 2.13 -10.34
N PRO A 342 32.45 2.56 -11.48
CA PRO A 342 31.69 2.99 -12.66
C PRO A 342 30.55 2.07 -13.04
N GLU A 343 30.81 0.77 -13.04
CA GLU A 343 29.79 -0.19 -13.41
C GLU A 343 28.64 -0.21 -12.39
N GLU A 344 28.98 -0.24 -11.10
CA GLU A 344 27.94 -0.25 -10.07
C GLU A 344 27.11 1.03 -10.19
N TYR A 345 27.77 2.16 -10.37
CA TYR A 345 27.07 3.44 -10.50
C TYR A 345 26.05 3.39 -11.64
N ALA A 346 26.50 2.92 -12.80
CA ALA A 346 25.64 2.83 -13.97
C ALA A 346 24.46 1.86 -13.76
N LEU A 347 24.76 0.69 -13.19
CA LEU A 347 23.71 -0.29 -12.93
C LEU A 347 22.62 0.28 -12.03
N ARG A 348 23.02 0.95 -10.96
CA ARG A 348 22.03 1.53 -10.05
C ARG A 348 21.16 2.57 -10.78
N GLU A 349 21.80 3.44 -11.54
CA GLU A 349 21.07 4.45 -12.29
C GLU A 349 20.04 3.82 -13.24
N GLN A 350 20.35 2.66 -13.79
CA GLN A 350 19.41 2.05 -14.71
C GLN A 350 18.28 1.27 -14.04
N ASP A 351 18.46 0.89 -12.77
CA ASP A 351 17.44 0.06 -12.11
C ASP A 351 17.54 0.35 -10.62
N LYS A 352 17.23 1.59 -10.25
CA LYS A 352 17.36 2.03 -8.88
C LYS A 352 16.53 1.28 -7.82
N TYR A 353 15.38 0.72 -8.18
CA TYR A 353 14.62 0.02 -7.18
C TYR A 353 15.21 -1.35 -6.86
N TYR A 354 15.54 -2.12 -7.88
CA TYR A 354 16.06 -3.46 -7.65
C TYR A 354 17.55 -3.56 -7.38
N TYR A 355 18.31 -2.61 -7.89
CA TYR A 355 19.76 -2.64 -7.68
C TYR A 355 20.14 -2.80 -6.22
N ARG A 356 21.07 -3.71 -5.96
CA ARG A 356 21.54 -3.89 -4.59
C ARG A 356 23.04 -3.50 -4.52
N TYR A 357 23.41 -2.67 -3.55
CA TYR A 357 24.83 -2.31 -3.39
C TYR A 357 25.61 -3.59 -3.00
N PRO A 358 26.90 -3.68 -3.39
CA PRO A 358 27.73 -4.86 -3.06
C PRO A 358 27.86 -4.96 -1.53
N THR A 359 27.42 -6.10 -0.98
CA THR A 359 27.36 -6.39 0.45
C THR A 359 26.41 -5.44 1.14
N GLY A 360 25.49 -4.86 0.37
CA GLY A 360 24.54 -3.90 0.91
C GLY A 360 23.10 -4.16 0.50
N GLU A 361 22.32 -3.09 0.38
CA GLU A 361 20.89 -3.25 0.09
C GLU A 361 20.34 -2.54 -1.14
N SER A 362 19.10 -2.90 -1.46
CA SER A 362 18.33 -2.33 -2.55
C SER A 362 17.07 -1.71 -1.90
N TYR A 363 16.28 -0.95 -2.66
CA TYR A 363 15.05 -0.40 -2.10
C TYR A 363 14.13 -1.59 -1.82
N GLN A 364 14.22 -2.63 -2.65
CA GLN A 364 13.43 -3.84 -2.45
C GLN A 364 13.72 -4.43 -1.06
N ASP A 365 15.00 -4.51 -0.67
CA ASP A 365 15.36 -5.02 0.65
C ASP A 365 14.78 -4.10 1.73
N LEU A 366 14.81 -2.80 1.47
CA LEU A 366 14.30 -1.84 2.44
C LEU A 366 12.84 -2.14 2.75
N VAL A 367 12.04 -2.31 1.70
CA VAL A 367 10.64 -2.59 1.89
C VAL A 367 10.42 -3.79 2.81
N GLN A 368 11.13 -4.89 2.55
CA GLN A 368 10.96 -6.07 3.37
C GLN A 368 11.31 -5.73 4.81
N ARG A 369 12.38 -4.96 4.97
CA ARG A 369 12.85 -4.54 6.29
C ARG A 369 11.81 -3.67 7.01
N LEU A 370 11.10 -2.87 6.25
CA LEU A 370 10.13 -1.96 6.83
C LEU A 370 8.72 -2.55 7.06
N GLU A 371 8.46 -3.78 6.62
CA GLU A 371 7.12 -4.35 6.81
C GLU A 371 6.60 -4.24 8.25
N PRO A 372 7.43 -4.61 9.24
CA PRO A 372 7.02 -4.52 10.64
C PRO A 372 6.73 -3.09 11.09
N VAL A 373 7.46 -2.14 10.52
CA VAL A 373 7.24 -0.73 10.85
C VAL A 373 5.85 -0.31 10.34
N ILE A 374 5.57 -0.66 9.09
CA ILE A 374 4.27 -0.33 8.52
C ILE A 374 3.12 -0.98 9.34
N MET A 375 3.26 -2.25 9.70
CA MET A 375 2.19 -2.90 10.45
C MET A 375 1.98 -2.22 11.79
N GLU A 376 3.07 -1.86 12.47
CA GLU A 376 2.91 -1.24 13.77
C GLU A 376 2.34 0.18 13.57
N LEU A 377 2.75 0.87 12.51
CA LEU A 377 2.20 2.20 12.24
C LEU A 377 0.68 2.11 12.07
N GLU A 378 0.20 1.04 11.46
CA GLU A 378 -1.24 0.88 11.29
C GLU A 378 -1.96 0.77 12.64
N ARG A 379 -1.30 0.15 13.61
CA ARG A 379 -1.89 -0.02 14.95
C ARG A 379 -1.88 1.28 15.76
N GLN A 380 -0.95 2.18 15.43
CA GLN A 380 -0.82 3.42 16.19
C GLN A 380 -1.83 4.52 15.88
N GLU A 381 -1.70 5.62 16.61
CA GLU A 381 -2.54 6.78 16.41
C GLU A 381 -1.63 7.87 15.86
N ASN A 382 -1.35 8.91 16.63
CA ASN A 382 -0.47 9.98 16.17
C ASN A 382 0.98 9.55 16.34
N VAL A 383 1.75 9.59 15.27
CA VAL A 383 3.14 9.17 15.30
C VAL A 383 3.97 10.05 14.42
N LEU A 384 5.21 10.32 14.84
CA LEU A 384 6.16 11.11 14.06
C LEU A 384 7.34 10.14 13.86
N VAL A 385 7.70 9.89 12.61
CA VAL A 385 8.82 9.02 12.29
C VAL A 385 9.98 9.86 11.76
N ILE A 386 11.11 9.84 12.47
CA ILE A 386 12.28 10.61 12.07
C ILE A 386 13.26 9.63 11.42
N CYS A 387 13.43 9.70 10.11
CA CYS A 387 14.28 8.73 9.46
C CYS A 387 15.30 9.24 8.46
N HIS A 388 15.41 8.58 7.32
CA HIS A 388 16.40 8.93 6.30
C HIS A 388 15.77 8.90 4.90
N GLN A 389 16.47 9.52 3.93
CA GLN A 389 15.96 9.62 2.58
C GLN A 389 15.36 8.39 1.94
N ALA A 390 16.15 7.33 1.77
CA ALA A 390 15.63 6.13 1.11
C ALA A 390 14.50 5.49 1.93
N VAL A 391 14.64 5.45 3.25
CA VAL A 391 13.61 4.87 4.13
C VAL A 391 12.32 5.67 4.00
N LEU A 392 12.43 7.00 4.01
CA LEU A 392 11.24 7.83 3.91
C LEU A 392 10.53 7.59 2.58
N ARG A 393 11.28 7.55 1.49
CA ARG A 393 10.70 7.27 0.19
C ARG A 393 9.87 5.97 0.24
N CYS A 394 10.43 4.93 0.87
CA CYS A 394 9.70 3.65 0.97
C CYS A 394 8.42 3.76 1.77
N LEU A 395 8.46 4.43 2.91
CA LEU A 395 7.26 4.58 3.72
C LEU A 395 6.25 5.45 2.97
N LEU A 396 6.75 6.50 2.33
CA LEU A 396 5.86 7.39 1.58
C LEU A 396 5.18 6.63 0.45
N ALA A 397 5.94 5.76 -0.23
CA ALA A 397 5.39 4.99 -1.34
C ALA A 397 4.20 4.13 -0.86
N TYR A 398 4.29 3.64 0.37
CA TYR A 398 3.22 2.82 0.92
C TYR A 398 1.95 3.67 1.17
N PHE A 399 2.12 4.77 1.89
CA PHE A 399 1.00 5.64 2.19
C PHE A 399 0.35 6.27 0.98
N LEU A 400 1.16 6.59 -0.03
CA LEU A 400 0.62 7.23 -1.22
C LEU A 400 0.46 6.29 -2.41
N ASP A 401 0.57 4.99 -2.14
CA ASP A 401 0.39 4.01 -3.21
C ASP A 401 1.24 4.29 -4.45
N LYS A 402 2.52 4.59 -4.26
CA LYS A 402 3.42 4.85 -5.37
C LYS A 402 4.09 3.54 -5.81
N SER A 403 4.39 3.40 -7.09
CA SER A 403 5.00 2.16 -7.58
C SER A 403 6.47 2.00 -7.21
N ALA A 404 6.96 0.78 -7.37
CA ALA A 404 8.35 0.47 -7.11
C ALA A 404 9.23 1.31 -8.06
N GLU A 405 8.78 1.50 -9.29
CA GLU A 405 9.56 2.28 -10.24
C GLU A 405 9.69 3.74 -9.81
N GLU A 406 8.65 4.30 -9.20
CA GLU A 406 8.78 5.69 -8.78
C GLU A 406 9.30 5.88 -7.36
N MET A 407 9.23 4.82 -6.55
CA MET A 407 9.67 4.93 -5.15
C MET A 407 11.03 5.55 -4.92
N PRO A 408 12.10 5.05 -5.57
CA PRO A 408 13.44 5.62 -5.34
C PRO A 408 13.67 7.06 -5.80
N TYR A 409 12.66 7.64 -6.44
CA TYR A 409 12.81 9.00 -6.91
C TYR A 409 11.83 9.98 -6.25
N LEU A 410 11.01 9.52 -5.31
CA LEU A 410 10.08 10.44 -4.65
C LEU A 410 10.92 11.52 -3.98
N LYS A 411 10.38 12.73 -3.92
CA LYS A 411 11.12 13.84 -3.33
C LYS A 411 10.83 13.96 -1.85
N CYS A 412 11.87 13.78 -1.04
CA CYS A 412 11.72 13.84 0.41
C CYS A 412 12.86 14.72 0.92
N PRO A 413 12.71 16.05 0.80
CA PRO A 413 13.77 16.95 1.24
C PRO A 413 14.00 17.12 2.72
N LEU A 414 15.24 17.51 3.03
CA LEU A 414 15.65 17.77 4.39
C LEU A 414 14.79 18.87 4.98
N HIS A 415 14.75 18.92 6.29
CA HIS A 415 14.04 19.96 7.02
C HIS A 415 12.60 20.16 6.64
N THR A 416 11.98 19.14 6.08
CA THR A 416 10.59 19.23 5.67
C THR A 416 9.73 18.09 6.21
N VAL A 417 8.67 18.43 6.94
CA VAL A 417 7.76 17.44 7.48
C VAL A 417 6.67 17.07 6.46
N LEU A 418 6.35 15.77 6.34
CA LEU A 418 5.27 15.35 5.45
C LEU A 418 4.16 14.94 6.41
N LYS A 419 3.06 15.66 6.35
CA LYS A 419 1.95 15.40 7.26
C LYS A 419 0.92 14.58 6.49
N LEU A 420 0.65 13.37 6.96
CA LEU A 420 -0.31 12.50 6.29
C LEU A 420 -1.59 12.36 7.12
N THR A 421 -2.74 12.53 6.47
CA THR A 421 -4.02 12.41 7.18
C THR A 421 -5.02 11.62 6.33
N PRO A 422 -5.90 10.86 6.96
CA PRO A 422 -6.90 10.05 6.26
C PRO A 422 -7.98 10.85 5.56
N VAL A 423 -8.17 10.59 4.29
CA VAL A 423 -9.22 11.27 3.56
C VAL A 423 -9.86 10.26 2.62
N ALA A 424 -11.16 9.99 2.84
CA ALA A 424 -11.91 9.04 2.02
C ALA A 424 -11.28 7.64 1.97
N TYR A 425 -10.79 7.26 0.79
CA TYR A 425 -10.19 5.94 0.58
C TYR A 425 -8.66 5.94 0.65
N GLY A 426 -8.06 7.06 1.02
CA GLY A 426 -6.61 7.11 1.07
C GLY A 426 -6.02 8.09 2.06
N CYS A 427 -4.82 8.57 1.73
CA CYS A 427 -4.11 9.51 2.57
C CYS A 427 -3.79 10.81 1.85
N ARG A 428 -4.02 11.92 2.55
CA ARG A 428 -3.73 13.25 2.02
C ARG A 428 -2.33 13.61 2.55
N VAL A 429 -1.50 14.23 1.71
CA VAL A 429 -0.17 14.65 2.17
C VAL A 429 -0.02 16.17 2.13
N GLU A 430 0.45 16.75 3.24
CA GLU A 430 0.71 18.19 3.32
C GLU A 430 2.20 18.35 3.64
N SER A 431 2.90 19.15 2.85
CA SER A 431 4.32 19.37 3.09
C SER A 431 4.51 20.62 3.94
N ILE A 432 5.30 20.52 5.01
CA ILE A 432 5.59 21.69 5.84
C ILE A 432 7.10 21.81 6.03
N TYR A 433 7.66 22.81 5.36
CA TYR A 433 9.09 23.11 5.41
C TYR A 433 9.31 23.98 6.63
N LEU A 434 10.24 23.59 7.49
CA LEU A 434 10.49 24.34 8.71
C LEU A 434 11.47 25.53 8.62
N ASN A 435 11.62 26.07 7.42
CA ASN A 435 12.44 27.25 7.18
C ASN A 435 13.87 27.28 7.71
N VAL A 436 14.62 26.21 7.48
CA VAL A 436 16.01 26.15 7.90
C VAL A 436 16.75 25.60 6.70
N GLU A 437 17.72 26.36 6.23
CA GLU A 437 18.53 25.98 5.07
C GLU A 437 19.23 24.66 5.25
N SER A 438 19.59 24.05 4.13
CA SER A 438 20.32 22.80 4.12
C SER A 438 20.72 22.55 2.67
N VAL A 439 21.53 21.53 2.43
CA VAL A 439 21.89 21.18 1.06
C VAL A 439 20.67 20.42 0.53
N CYS A 440 20.76 19.93 -0.70
CA CYS A 440 19.68 19.16 -1.28
C CYS A 440 20.29 17.81 -1.67
N THR A 441 19.71 16.73 -1.17
CA THR A 441 20.21 15.39 -1.47
C THR A 441 19.43 14.67 -2.57
N HIS A 442 18.46 15.35 -3.19
CA HIS A 442 17.66 14.72 -4.24
C HIS A 442 18.36 14.61 -5.58
N ARG A 443 18.20 13.47 -6.23
CA ARG A 443 18.86 13.25 -7.52
C ARG A 443 17.94 12.53 -8.50
N GLU A 444 17.57 13.24 -9.56
CA GLU A 444 16.68 12.71 -10.60
C GLU A 444 17.30 11.61 -11.43
N ARG A 445 16.47 10.96 -12.23
CA ARG A 445 16.94 9.89 -13.10
C ARG A 445 17.90 10.48 -14.13
N SER A 446 19.20 10.22 -14.02
CA SER A 446 20.10 10.79 -15.02
C SER A 446 21.06 9.78 -15.66
N ASN A 454 25.48 1.93 -27.03
CA ASN A 454 24.60 1.74 -28.18
C ASN A 454 25.40 1.81 -29.50
N PRO A 455 25.74 3.05 -29.94
CA PRO A 455 26.47 3.39 -31.16
C PRO A 455 27.46 2.39 -31.71
N LEU A 456 28.51 2.09 -30.94
CA LEU A 456 29.52 1.15 -31.38
C LEU A 456 29.03 -0.29 -31.44
N MET A 457 27.87 -0.57 -30.85
CA MET A 457 27.35 -1.95 -30.85
C MET A 457 26.30 -2.33 -31.87
N ARG A 458 26.38 -1.69 -33.03
CA ARG A 458 25.52 -1.99 -34.14
C ARG A 458 26.48 -1.60 -35.25
N ARG A 459 26.35 -2.16 -36.44
CA ARG A 459 27.27 -1.82 -37.52
C ARG A 459 27.14 -0.34 -37.98
N ASN A 460 28.09 0.20 -38.75
CA ASN A 460 28.12 1.64 -39.13
C ASN A 460 27.51 2.55 -38.03
N SER A 461 28.40 3.06 -37.17
CA SER A 461 28.09 3.93 -36.03
C SER A 461 28.59 3.15 -34.81
N SER A 516 4.98 -20.86 0.49
CA SER A 516 4.15 -21.97 0.01
C SER A 516 2.85 -22.09 0.75
N SER A 517 2.85 -21.60 2.00
CA SER A 517 1.68 -21.61 2.86
C SER A 517 2.19 -21.24 4.22
O1 F6P B . 21.03 11.85 1.79
C1 F6P B . 22.00 10.81 1.83
C2 F6P B . 21.32 9.43 1.96
O2 F6P B . 20.41 9.30 3.06
C3 F6P B . 22.51 8.43 2.04
O3 F6P B . 22.91 8.15 3.38
C4 F6P B . 21.89 7.29 1.24
O4 F6P B . 22.84 6.43 0.70
C5 F6P B . 21.25 8.11 0.17
O5 F6P B . 20.57 9.14 0.76
C6 F6P B . 20.53 7.29 -0.86
O6 F6P B . 19.96 8.24 -1.76
P F6P B . 19.52 7.49 -3.05
O1P F6P B . 18.65 6.25 -2.94
O2P F6P B . 18.89 8.60 -4.00
O3P F6P B . 20.95 7.08 -3.64
O20 EDT C . -22.34 -4.98 -5.75
C5 EDT C . -23.33 -4.10 -5.57
O19 EDT C . -24.51 -4.44 -5.64
C4 EDT C . -22.93 -2.64 -5.24
N3 EDT C . -21.88 -1.98 -6.10
C2 EDT C . -22.25 -2.08 -7.52
C1 EDT C . -22.96 -0.85 -8.05
O18 EDT C . -22.90 0.23 -7.26
O17 EDT C . -23.53 -0.89 -9.13
C6 EDT C . -20.55 -2.61 -5.87
C7 EDT C . -19.74 -2.21 -4.62
N8 EDT C . -19.83 -0.74 -4.34
C9 EDT C . -18.58 -0.04 -4.72
C10 EDT C . -18.76 1.18 -5.62
O16 EDT C . -19.86 1.20 -6.43
O15 EDT C . -17.91 2.08 -5.62
C11 EDT C . -20.12 -0.58 -2.89
C12 EDT C . -21.57 -0.97 -2.57
O13 EDT C . -21.71 -2.16 -1.91
O14 EDT C . -22.50 -0.26 -2.92
PB ADP D . -18.87 -0.14 0.61
O1B ADP D . -19.20 -1.31 1.48
O2B ADP D . -17.84 -0.38 -0.43
O3B ADP D . -20.20 0.35 -0.06
PA ADP D . -16.98 1.88 1.36
O1A ADP D . -15.72 1.11 1.34
O2A ADP D . -17.37 2.76 0.25
O3A ADP D . -18.27 0.86 1.62
O5' ADP D . -16.94 2.58 2.77
C5' ADP D . -15.77 3.33 3.14
C4' ADP D . -16.02 3.76 4.54
O4' ADP D . -16.21 2.62 5.38
C3' ADP D . -14.94 4.63 5.23
O3' ADP D . -15.55 5.76 5.79
C2' ADP D . -14.37 3.74 6.35
O2' ADP D . -14.02 4.43 7.55
C1' ADP D . -15.48 2.72 6.58
N9 ADP D . -14.99 1.40 7.02
C8 ADP D . -13.76 0.76 6.90
N7 ADP D . -13.62 -0.45 7.41
C5 ADP D . -14.87 -0.65 7.92
C6 ADP D . -15.49 -1.73 8.62
N6 ADP D . -14.75 -2.93 8.93
N1 ADP D . -16.81 -1.62 9.02
C2 ADP D . -17.53 -0.48 8.75
N3 ADP D . -17.07 0.61 8.09
C4 ADP D . -15.74 0.47 7.70
#